data_4XOS
#
_entry.id   4XOS
#
_cell.length_a   48.040
_cell.length_b   50.880
_cell.length_c   63.020
_cell.angle_alpha   90.00
_cell.angle_beta   110.19
_cell.angle_gamma   90.00
#
_symmetry.space_group_name_H-M   'P 1 21 1'
#
loop_
_entity.id
_entity.type
_entity.pdbx_description
1 polymer 'Acidic leucine-rich nuclear phosphoprotein 32 family member A'
2 non-polymer 'CHLORIDE ION'
3 non-polymer GLYCEROL
4 water water
#
_entity_poly.entity_id   1
_entity_poly.type   'polypeptide(L)'
_entity_poly.pdbx_seq_one_letter_code
;GPHMEMGRRIHLELRNRTPSDVKELVLDNSRSNEGKLEGLTDEFEELEFLSTINVGLTSIANLPKLNKLKKLELSDNRVS
GGLEVLAEKCPNLTHLNLSGNKIKDLSTIEPLKKLENLKSLDLFNCEVTNLNDYRENVFKLLPQLTYLDGYD
;
_entity_poly.pdbx_strand_id   A,B
#
loop_
_chem_comp.id
_chem_comp.type
_chem_comp.name
_chem_comp.formula
CL non-polymer 'CHLORIDE ION' 'Cl -1'
GOL non-polymer GLYCEROL 'C3 H8 O3'
#
# COMPACT_ATOMS: atom_id res chain seq x y z
N GLY A 1 0.97 20.81 12.69
CA GLY A 1 1.73 20.46 13.91
C GLY A 1 2.98 21.30 14.02
N PRO A 2 3.90 20.92 14.91
CA PRO A 2 5.03 21.81 15.15
C PRO A 2 6.22 21.57 14.21
N HIS A 3 6.00 20.90 13.08
CA HIS A 3 7.10 20.60 12.17
C HIS A 3 7.11 21.53 10.94
N MET A 4 7.51 21.02 9.78
CA MET A 4 7.68 21.83 8.57
C MET A 4 6.36 22.10 7.87
N GLU A 5 6.34 23.10 6.98
CA GLU A 5 5.24 23.21 6.03
C GLU A 5 5.01 21.91 5.26
N MET A 6 3.75 21.56 5.04
CA MET A 6 3.39 20.34 4.33
C MET A 6 4.05 20.24 2.95
N GLY A 7 4.04 21.33 2.18
CA GLY A 7 4.67 21.30 0.87
C GLY A 7 6.14 20.99 0.92
N ARG A 8 6.82 21.49 1.95
CA ARG A 8 8.25 21.22 2.12
C ARG A 8 8.46 19.76 2.50
N ARG A 9 7.62 19.23 3.39
CA ARG A 9 7.69 17.81 3.78
C ARG A 9 7.56 16.94 2.54
N ILE A 10 6.60 17.29 1.69
CA ILE A 10 6.38 16.51 0.50
C ILE A 10 7.57 16.61 -0.47
N HIS A 11 8.11 17.81 -0.64
CA HIS A 11 9.25 17.98 -1.54
CA HIS A 11 9.27 18.02 -1.51
C HIS A 11 10.44 17.14 -1.07
N LEU A 12 10.62 17.02 0.24
CA LEU A 12 11.73 16.22 0.76
C LEU A 12 11.51 14.75 0.48
N GLU A 13 10.26 14.31 0.56
CA GLU A 13 9.95 12.91 0.22
C GLU A 13 10.14 12.64 -1.26
N LEU A 14 10.06 13.67 -2.09
CA LEU A 14 10.16 13.51 -3.55
C LEU A 14 11.55 13.78 -4.10
N ARG A 15 12.53 14.03 -3.24
CA ARG A 15 13.89 14.16 -3.71
C ARG A 15 14.28 12.79 -4.27
N ASN A 16 14.77 12.79 -5.51
CA ASN A 16 15.28 11.58 -6.16
C ASN A 16 14.19 10.59 -6.60
N ARG A 17 12.92 10.99 -6.53
CA ARG A 17 11.87 10.21 -7.19
C ARG A 17 10.74 11.11 -7.67
N THR A 18 9.70 10.51 -8.22
CA THR A 18 8.54 11.27 -8.70
C THR A 18 7.30 10.86 -7.93
N PRO A 19 6.24 11.69 -7.97
CA PRO A 19 5.02 11.36 -7.23
C PRO A 19 4.42 9.99 -7.59
N SER A 20 4.52 9.56 -8.84
CA SER A 20 3.88 8.29 -9.23
C SER A 20 4.56 7.09 -8.60
N ASP A 21 5.76 7.28 -8.03
CA ASP A 21 6.50 6.22 -7.36
C ASP A 21 6.03 5.94 -5.92
N VAL A 22 5.36 6.89 -5.31
CA VAL A 22 5.11 6.87 -3.87
C VAL A 22 3.90 5.99 -3.49
N LYS A 23 4.11 5.06 -2.56
CA LYS A 23 3.03 4.19 -2.10
C LYS A 23 2.42 4.62 -0.77
N GLU A 24 3.26 5.17 0.09
CA GLU A 24 2.85 5.63 1.43
C GLU A 24 3.46 6.99 1.71
N LEU A 25 2.70 7.86 2.35
CA LEU A 25 3.16 9.19 2.68
C LEU A 25 2.68 9.58 4.06
N VAL A 26 3.61 9.87 4.96
CA VAL A 26 3.27 10.28 6.32
C VAL A 26 3.59 11.76 6.44
N LEU A 27 2.55 12.57 6.53
CA LEU A 27 2.73 14.02 6.63
C LEU A 27 2.42 14.54 8.04
N ASP A 28 2.28 13.62 8.98
CA ASP A 28 1.92 13.92 10.35
C ASP A 28 2.74 15.07 10.92
N ASN A 29 2.06 16.01 11.57
CA ASN A 29 2.66 17.14 12.30
C ASN A 29 3.24 18.24 11.40
N SER A 30 3.14 18.09 10.08
CA SER A 30 3.46 19.19 9.20
C SER A 30 2.36 20.23 9.30
N ARG A 31 2.62 21.38 8.71
CA ARG A 31 1.68 22.50 8.78
CA ARG A 31 1.69 22.49 8.77
C ARG A 31 0.95 22.66 7.45
N SER A 32 -0.37 22.51 7.51
CA SER A 32 -1.20 22.74 6.36
C SER A 32 -1.17 24.21 5.98
N ASN A 33 -1.67 24.51 4.79
CA ASN A 33 -1.74 25.87 4.30
C ASN A 33 -3.01 26.56 4.79
N GLU A 34 -2.93 27.19 5.95
CA GLU A 34 -4.08 27.85 6.55
C GLU A 34 -5.30 26.92 6.56
N GLY A 35 -5.06 25.67 6.95
CA GLY A 35 -6.13 24.72 7.08
C GLY A 35 -6.36 23.78 5.91
N LYS A 36 -5.65 24.02 4.82
CA LYS A 36 -5.87 23.28 3.57
C LYS A 36 -4.67 22.41 3.20
N LEU A 37 -4.94 21.30 2.55
CA LEU A 37 -3.90 20.48 1.97
C LEU A 37 -3.11 21.26 0.93
N GLU A 38 -1.81 21.01 0.87
CA GLU A 38 -0.98 21.57 -0.20
C GLU A 38 0.06 20.54 -0.61
N GLY A 39 0.41 20.55 -1.88
CA GLY A 39 1.50 19.72 -2.36
C GLY A 39 1.06 18.38 -2.90
N LEU A 40 -0.18 18.01 -2.58
CA LEU A 40 -0.76 16.77 -3.05
C LEU A 40 -1.48 17.01 -4.36
N THR A 41 -1.14 16.21 -5.36
CA THR A 41 -1.71 16.34 -6.70
C THR A 41 -2.16 14.98 -7.21
N ASP A 42 -2.80 14.97 -8.38
CA ASP A 42 -3.27 13.72 -8.97
C ASP A 42 -2.13 12.94 -9.63
N GLU A 43 -0.91 13.47 -9.54
CA GLU A 43 0.26 12.73 -10.00
C GLU A 43 0.57 11.54 -9.09
N PHE A 44 -0.02 11.55 -7.89
CA PHE A 44 0.20 10.48 -6.92
C PHE A 44 -0.69 9.25 -7.22
N GLU A 45 -0.51 8.68 -8.40
CA GLU A 45 -1.39 7.65 -8.93
C GLU A 45 -1.25 6.28 -8.25
N GLU A 46 -0.18 6.09 -7.50
CA GLU A 46 0.08 4.79 -6.87
C GLU A 46 -0.05 4.85 -5.34
N LEU A 47 -0.42 6.02 -4.83
CA LEU A 47 -0.51 6.21 -3.38
C LEU A 47 -1.65 5.38 -2.78
N GLU A 48 -1.30 4.54 -1.82
CA GLU A 48 -2.26 3.66 -1.16
C GLU A 48 -2.54 4.04 0.29
N PHE A 49 -1.58 4.71 0.94
CA PHE A 49 -1.70 5.14 2.32
C PHE A 49 -1.28 6.60 2.47
N LEU A 50 -2.16 7.42 3.05
CA LEU A 50 -1.85 8.81 3.32
C LEU A 50 -2.24 9.15 4.75
N SER A 51 -1.29 9.71 5.50
CA SER A 51 -1.49 10.09 6.88
C SER A 51 -1.22 11.57 7.02
N THR A 52 -2.21 12.32 7.49
CA THR A 52 -2.02 13.76 7.77
C THR A 52 -2.51 14.09 9.17
N ILE A 53 -1.97 13.40 10.16
CA ILE A 53 -2.34 13.61 11.55
C ILE A 53 -1.78 14.93 12.06
N ASN A 54 -2.61 15.71 12.76
CA ASN A 54 -2.16 16.93 13.44
C ASN A 54 -1.44 17.89 12.49
N VAL A 55 -2.11 18.27 11.41
CA VAL A 55 -1.55 19.26 10.48
C VAL A 55 -2.38 20.55 10.46
N GLY A 56 -3.29 20.69 11.42
CA GLY A 56 -4.13 21.88 11.51
C GLY A 56 -5.19 21.96 10.44
N LEU A 57 -5.59 20.80 9.92
CA LEU A 57 -6.50 20.74 8.79
C LEU A 57 -7.91 21.14 9.16
N THR A 58 -8.54 21.98 8.34
CA THR A 58 -9.93 22.37 8.57
C THR A 58 -10.84 21.98 7.41
N SER A 59 -10.27 21.55 6.28
CA SER A 59 -11.07 21.19 5.12
C SER A 59 -10.30 20.15 4.33
N ILE A 60 -11.00 19.20 3.70
CA ILE A 60 -10.33 18.27 2.79
C ILE A 60 -10.72 18.54 1.35
N ALA A 61 -11.19 19.76 1.07
CA ALA A 61 -11.68 20.10 -0.26
C ALA A 61 -10.58 20.09 -1.31
N ASN A 62 -9.32 20.26 -0.90
CA ASN A 62 -8.20 20.25 -1.85
C ASN A 62 -7.56 18.86 -2.04
N LEU A 63 -8.27 17.80 -1.67
CA LEU A 63 -7.77 16.45 -1.90
C LEU A 63 -7.84 16.18 -3.39
N PRO A 64 -6.73 15.70 -3.98
CA PRO A 64 -6.75 15.39 -5.41
C PRO A 64 -7.33 14.02 -5.67
N LYS A 65 -7.59 13.69 -6.93
CA LYS A 65 -7.94 12.32 -7.30
C LYS A 65 -6.80 11.38 -6.95
N LEU A 66 -7.11 10.37 -6.15
CA LEU A 66 -6.18 9.35 -5.70
C LEU A 66 -6.86 7.98 -5.82
N ASN A 67 -6.85 7.43 -7.03
CA ASN A 67 -7.70 6.28 -7.30
C ASN A 67 -7.21 4.99 -6.62
N LYS A 68 -5.96 4.97 -6.19
CA LYS A 68 -5.45 3.79 -5.52
C LYS A 68 -5.44 3.91 -4.00
N LEU A 69 -5.90 5.04 -3.46
CA LEU A 69 -5.83 5.27 -2.02
C LEU A 69 -6.77 4.30 -1.26
N LYS A 70 -6.21 3.55 -0.32
CA LYS A 70 -6.96 2.58 0.46
C LYS A 70 -7.13 3.03 1.91
N LYS A 71 -6.12 3.69 2.47
CA LYS A 71 -6.16 4.11 3.86
C LYS A 71 -5.86 5.60 3.99
N LEU A 72 -6.74 6.31 4.69
CA LEU A 72 -6.59 7.75 4.89
C LEU A 72 -6.70 8.06 6.37
N GLU A 73 -5.63 8.59 6.96
CA GLU A 73 -5.64 8.94 8.38
C GLU A 73 -5.64 10.47 8.53
N LEU A 74 -6.73 10.98 9.12
CA LEU A 74 -6.95 12.42 9.26
C LEU A 74 -7.06 12.82 10.71
N SER A 75 -6.57 11.96 11.60
CA SER A 75 -6.76 12.16 13.03
C SER A 75 -6.19 13.49 13.52
N ASP A 76 -6.76 13.98 14.60
CA ASP A 76 -6.22 15.12 15.34
C ASP A 76 -6.15 16.40 14.49
N ASN A 77 -7.24 16.64 13.77
CA ASN A 77 -7.41 17.86 13.01
C ASN A 77 -8.75 18.50 13.37
N ARG A 78 -9.21 19.46 12.57
CA ARG A 78 -10.48 20.11 12.82
C ARG A 78 -11.45 19.97 11.65
N VAL A 79 -11.43 18.82 11.00
CA VAL A 79 -12.37 18.58 9.92
C VAL A 79 -13.77 18.44 10.52
N SER A 80 -14.75 19.10 9.91
CA SER A 80 -16.11 19.10 10.44
C SER A 80 -17.17 18.78 9.41
N GLY A 81 -16.76 18.45 8.19
CA GLY A 81 -17.72 18.22 7.13
C GLY A 81 -17.02 18.13 5.79
N GLY A 82 -17.78 18.22 4.72
CA GLY A 82 -17.22 18.12 3.38
C GLY A 82 -16.78 16.73 2.98
N LEU A 83 -17.26 15.71 3.68
CA LEU A 83 -16.78 14.36 3.45
C LEU A 83 -17.27 13.74 2.14
N GLU A 84 -18.18 14.42 1.44
CA GLU A 84 -18.62 13.96 0.13
C GLU A 84 -17.45 13.92 -0.87
N VAL A 85 -16.39 14.68 -0.59
CA VAL A 85 -15.22 14.74 -1.47
C VAL A 85 -14.57 13.37 -1.61
N LEU A 86 -14.61 12.57 -0.55
CA LEU A 86 -13.93 11.28 -0.56
C LEU A 86 -14.49 10.33 -1.62
N ALA A 87 -15.81 10.28 -1.75
CA ALA A 87 -16.41 9.40 -2.74
C ALA A 87 -16.01 9.82 -4.16
N GLU A 88 -15.71 11.10 -4.35
CA GLU A 88 -15.32 11.58 -5.67
C GLU A 88 -13.84 11.37 -5.94
N LYS A 89 -13.03 11.58 -4.92
CA LYS A 89 -11.58 11.64 -5.08
C LYS A 89 -10.84 10.35 -4.71
N CYS A 90 -11.32 9.62 -3.70
CA CYS A 90 -10.74 8.32 -3.36
C CYS A 90 -11.83 7.26 -3.20
N PRO A 91 -12.46 6.90 -4.32
CA PRO A 91 -13.63 6.03 -4.30
C PRO A 91 -13.32 4.60 -3.84
N ASN A 92 -12.04 4.21 -3.84
CA ASN A 92 -11.63 2.86 -3.43
C ASN A 92 -11.14 2.76 -1.99
N LEU A 93 -11.34 3.81 -1.22
CA LEU A 93 -10.95 3.83 0.18
C LEU A 93 -11.59 2.70 1.01
N THR A 94 -10.79 2.05 1.84
CA THR A 94 -11.28 0.96 2.69
C THR A 94 -11.19 1.27 4.19
N HIS A 95 -10.26 2.15 4.57
CA HIS A 95 -10.03 2.50 5.96
C HIS A 95 -9.94 4.01 6.10
N LEU A 96 -10.74 4.57 7.01
CA LEU A 96 -10.74 6.01 7.26
C LEU A 96 -10.67 6.30 8.75
N ASN A 97 -9.69 7.12 9.16
CA ASN A 97 -9.55 7.51 10.56
C ASN A 97 -9.80 8.99 10.74
N LEU A 98 -10.92 9.30 11.40
CA LEU A 98 -11.30 10.69 11.66
C LEU A 98 -11.23 11.03 13.15
N SER A 99 -10.55 10.20 13.93
CA SER A 99 -10.47 10.38 15.38
C SER A 99 -9.99 11.79 15.74
N GLY A 100 -10.56 12.35 16.77
CA GLY A 100 -10.12 13.64 17.25
C GLY A 100 -10.38 14.82 16.33
N ASN A 101 -11.42 14.73 15.50
CA ASN A 101 -11.87 15.83 14.62
C ASN A 101 -13.20 16.37 15.13
N LYS A 102 -13.81 17.29 14.38
CA LYS A 102 -15.01 17.97 14.82
C LYS A 102 -16.22 17.31 14.18
N ILE A 103 -16.33 16.00 14.40
CA ILE A 103 -17.45 15.23 13.88
C ILE A 103 -18.53 15.14 14.96
N LYS A 104 -19.63 15.87 14.76
CA LYS A 104 -20.58 16.11 15.86
C LYS A 104 -21.88 15.34 15.76
N ASP A 105 -22.24 14.91 14.56
CA ASP A 105 -23.53 14.26 14.34
C ASP A 105 -23.47 13.26 13.19
N LEU A 106 -24.54 12.49 13.04
CA LEU A 106 -24.61 11.49 11.99
C LEU A 106 -24.67 12.11 10.60
N SER A 107 -25.30 13.28 10.48
CA SER A 107 -25.41 13.90 9.16
C SER A 107 -24.03 14.17 8.55
N THR A 108 -23.04 14.44 9.40
CA THR A 108 -21.68 14.74 8.96
C THR A 108 -21.02 13.54 8.28
N ILE A 109 -21.32 12.34 8.77
CA ILE A 109 -20.71 11.16 8.18
C ILE A 109 -21.61 10.42 7.21
N GLU A 110 -22.84 10.93 7.01
CA GLU A 110 -23.76 10.33 6.03
C GLU A 110 -23.14 10.18 4.63
N PRO A 111 -22.35 11.18 4.15
CA PRO A 111 -21.71 11.02 2.82
C PRO A 111 -20.78 9.81 2.70
N LEU A 112 -20.33 9.26 3.82
CA LEU A 112 -19.48 8.07 3.74
C LEU A 112 -20.24 6.86 3.19
N LYS A 113 -21.58 6.95 3.11
CA LYS A 113 -22.34 5.83 2.55
C LYS A 113 -22.02 5.61 1.08
N LYS A 114 -21.40 6.59 0.42
CA LYS A 114 -21.07 6.51 -1.00
C LYS A 114 -19.74 5.83 -1.26
N LEU A 115 -19.01 5.52 -0.18
CA LEU A 115 -17.76 4.77 -0.30
C LEU A 115 -18.03 3.28 -0.26
N GLU A 116 -18.20 2.70 -1.45
CA GLU A 116 -18.62 1.32 -1.60
C GLU A 116 -17.73 0.30 -0.88
N ASN A 117 -16.44 0.61 -0.79
CA ASN A 117 -15.45 -0.35 -0.26
C ASN A 117 -15.04 -0.06 1.17
N LEU A 118 -15.69 0.91 1.80
CA LEU A 118 -15.31 1.29 3.16
C LEU A 118 -15.57 0.13 4.11
N LYS A 119 -14.53 -0.27 4.82
CA LYS A 119 -14.60 -1.42 5.73
C LYS A 119 -14.44 -1.04 7.20
N SER A 120 -13.65 0.01 7.43
CA SER A 120 -13.22 0.40 8.76
C SER A 120 -13.26 1.91 8.92
N LEU A 121 -13.93 2.36 9.99
CA LEU A 121 -14.07 3.77 10.31
C LEU A 121 -13.73 3.99 11.77
N ASP A 122 -12.84 4.96 12.04
CA ASP A 122 -12.52 5.35 13.43
C ASP A 122 -12.94 6.77 13.72
N LEU A 123 -13.63 6.94 14.84
CA LEU A 123 -14.15 8.22 15.29
C LEU A 123 -13.78 8.48 16.76
N PHE A 124 -12.70 7.85 17.26
CA PHE A 124 -12.36 7.96 18.69
C PHE A 124 -12.37 9.41 19.17
N ASN A 125 -13.07 9.64 20.28
CA ASN A 125 -13.08 10.93 21.00
C ASN A 125 -13.76 12.07 20.23
N CYS A 126 -14.47 11.75 19.14
CA CYS A 126 -15.33 12.72 18.46
C CYS A 126 -16.66 12.87 19.18
N GLU A 127 -17.24 14.06 19.07
CA GLU A 127 -18.50 14.34 19.77
C GLU A 127 -19.59 13.33 19.41
N VAL A 128 -19.55 12.81 18.19
CA VAL A 128 -20.62 11.94 17.72
C VAL A 128 -20.63 10.64 18.57
N THR A 129 -19.51 10.28 19.17
CA THR A 129 -19.42 9.04 19.93
C THR A 129 -20.23 9.12 21.23
N ASN A 130 -20.70 10.32 21.57
CA ASN A 130 -21.50 10.54 22.77
C ASN A 130 -23.01 10.38 22.51
N LEU A 131 -23.40 10.18 21.26
CA LEU A 131 -24.81 10.02 20.96
C LEU A 131 -25.32 8.71 21.54
N ASN A 132 -26.57 8.70 21.98
CA ASN A 132 -27.15 7.47 22.47
C ASN A 132 -27.24 6.51 21.30
N ASP A 133 -26.95 5.24 21.57
CA ASP A 133 -26.95 4.19 20.55
C ASP A 133 -26.02 4.53 19.38
N TYR A 134 -24.89 5.14 19.68
CA TYR A 134 -23.91 5.57 18.69
C TYR A 134 -23.52 4.46 17.73
N ARG A 135 -23.04 3.33 18.26
CA ARG A 135 -22.53 2.26 17.39
C ARG A 135 -23.65 1.70 16.52
N GLU A 136 -24.80 1.46 17.13
CA GLU A 136 -25.95 0.90 16.40
C GLU A 136 -26.33 1.82 15.25
N ASN A 137 -26.42 3.11 15.53
CA ASN A 137 -26.88 4.05 14.53
C ASN A 137 -25.88 4.25 13.40
N VAL A 138 -24.59 4.16 13.70
CA VAL A 138 -23.59 4.31 12.66
C VAL A 138 -23.64 3.11 11.73
N PHE A 139 -23.80 1.90 12.27
CA PHE A 139 -23.81 0.71 11.43
C PHE A 139 -25.07 0.69 10.53
N LYS A 140 -26.17 1.26 11.02
CA LYS A 140 -27.37 1.36 10.20
C LYS A 140 -27.20 2.39 9.07
N LEU A 141 -26.49 3.47 9.37
CA LEU A 141 -26.18 4.51 8.39
C LEU A 141 -25.21 4.04 7.32
N LEU A 142 -24.25 3.22 7.75
CA LEU A 142 -23.18 2.77 6.88
C LEU A 142 -23.21 1.25 6.80
N PRO A 143 -24.19 0.71 6.07
CA PRO A 143 -24.36 -0.73 6.08
C PRO A 143 -23.20 -1.52 5.48
N GLN A 144 -22.32 -0.86 4.72
CA GLN A 144 -21.20 -1.57 4.11
C GLN A 144 -20.04 -1.76 5.09
N LEU A 145 -20.07 -1.02 6.19
CA LEU A 145 -19.00 -1.03 7.18
C LEU A 145 -18.90 -2.34 7.94
N THR A 146 -17.68 -2.79 8.21
CA THR A 146 -17.45 -3.99 9.02
C THR A 146 -17.05 -3.58 10.45
N TYR A 147 -16.11 -2.65 10.56
CA TYR A 147 -15.53 -2.28 11.83
C TYR A 147 -15.74 -0.79 12.12
N LEU A 148 -16.10 -0.49 13.36
CA LEU A 148 -16.22 0.88 13.84
C LEU A 148 -15.38 0.98 15.09
N ASP A 149 -14.44 1.91 15.11
CA ASP A 149 -13.52 2.07 16.24
C ASP A 149 -12.86 0.74 16.57
N GLY A 150 -12.57 -0.03 15.52
CA GLY A 150 -11.80 -1.24 15.67
C GLY A 150 -12.53 -2.57 15.79
N TYR A 151 -13.85 -2.57 15.90
CA TYR A 151 -14.54 -3.83 16.04
C TYR A 151 -16.00 -3.78 15.58
N ASP A 152 -16.63 -4.96 15.60
CA ASP A 152 -17.97 -5.24 15.10
C ASP A 152 -18.54 -4.17 14.21
N GLY B 1 19.47 -2.71 0.67
CA GLY B 1 20.54 -3.26 1.55
C GLY B 1 21.82 -2.47 1.40
N PRO B 2 22.88 -2.89 2.11
CA PRO B 2 24.12 -2.12 2.18
C PRO B 2 25.08 -2.35 1.01
N HIS B 3 24.76 -3.26 0.10
CA HIS B 3 25.70 -3.60 -0.95
C HIS B 3 25.60 -2.59 -2.12
N MET B 4 26.02 -3.00 -3.31
CA MET B 4 26.00 -2.17 -4.51
C MET B 4 24.62 -1.77 -4.93
N GLU B 5 24.53 -0.68 -5.69
CA GLU B 5 23.28 -0.35 -6.37
C GLU B 5 22.85 -1.52 -7.24
N MET B 6 21.54 -1.75 -7.29
CA MET B 6 21.01 -2.88 -8.04
C MET B 6 21.42 -2.86 -9.51
N GLY B 7 21.37 -1.69 -10.15
CA GLY B 7 21.72 -1.58 -11.54
C GLY B 7 23.15 -1.98 -11.80
N ARG B 8 24.03 -1.59 -10.89
CA ARG B 8 25.46 -1.91 -11.00
C ARG B 8 25.67 -3.40 -10.90
N ARG B 9 24.96 -3.99 -9.96
CA ARG B 9 25.05 -5.41 -9.70
C ARG B 9 24.59 -6.17 -10.93
N ILE B 10 23.47 -5.75 -11.51
CA ILE B 10 23.02 -6.38 -12.75
C ILE B 10 24.04 -6.23 -13.89
N HIS B 11 24.61 -5.04 -14.07
CA HIS B 11 25.63 -4.84 -15.09
CA HIS B 11 25.66 -4.81 -15.06
C HIS B 11 26.82 -5.78 -14.91
N LEU B 12 27.27 -5.96 -13.67
CA LEU B 12 28.38 -6.89 -13.42
C LEU B 12 27.97 -8.29 -13.81
N GLU B 13 26.76 -8.70 -13.45
CA GLU B 13 26.31 -10.06 -13.79
C GLU B 13 26.28 -10.28 -15.29
N LEU B 14 26.06 -9.21 -16.06
CA LEU B 14 25.94 -9.31 -17.50
C LEU B 14 27.24 -9.12 -18.27
N ARG B 15 28.35 -8.88 -17.59
CA ARG B 15 29.61 -8.54 -18.29
C ARG B 15 30.01 -9.56 -19.37
N ASN B 16 29.95 -10.85 -19.02
CA ASN B 16 30.40 -11.89 -19.94
C ASN B 16 29.29 -12.83 -20.37
N ARG B 17 28.06 -12.32 -20.44
CA ARG B 17 26.96 -13.09 -20.99
C ARG B 17 25.88 -12.12 -21.44
N THR B 18 24.77 -12.64 -21.92
CA THR B 18 23.67 -11.82 -22.42
C THR B 18 22.47 -12.02 -21.52
N PRO B 19 21.53 -11.07 -21.52
CA PRO B 19 20.33 -11.28 -20.70
C PRO B 19 19.63 -12.61 -20.94
N SER B 20 19.56 -13.08 -22.18
CA SER B 20 18.85 -14.34 -22.46
C SER B 20 19.59 -15.57 -21.90
N ASP B 21 20.84 -15.39 -21.47
CA ASP B 21 21.61 -16.47 -20.84
C ASP B 21 21.25 -16.64 -19.35
N VAL B 22 20.61 -15.64 -18.77
CA VAL B 22 20.41 -15.61 -17.33
C VAL B 22 19.12 -16.35 -16.93
N LYS B 23 19.28 -17.45 -16.22
CA LYS B 23 18.13 -18.21 -15.74
C LYS B 23 17.80 -17.88 -14.29
N GLU B 24 18.81 -17.46 -13.54
CA GLU B 24 18.67 -17.16 -12.13
C GLU B 24 19.43 -15.89 -11.78
N LEU B 25 18.82 -15.03 -10.97
CA LEU B 25 19.44 -13.77 -10.62
C LEU B 25 19.21 -13.47 -9.14
N VAL B 26 20.30 -13.34 -8.39
CA VAL B 26 20.24 -13.03 -6.98
C VAL B 26 20.72 -11.60 -6.73
N LEU B 27 19.77 -10.72 -6.40
CA LEU B 27 20.07 -9.32 -6.16
C LEU B 27 19.97 -8.94 -4.69
N ASP B 28 19.91 -9.96 -3.84
CA ASP B 28 19.79 -9.78 -2.40
C ASP B 28 20.81 -8.78 -1.87
N ASN B 29 20.34 -7.91 -0.99
CA ASN B 29 21.13 -6.90 -0.28
C ASN B 29 21.64 -5.73 -1.12
N SER B 30 21.36 -5.74 -2.42
CA SER B 30 21.66 -4.58 -3.24
C SER B 30 20.77 -3.42 -2.85
N ARG B 31 21.12 -2.23 -3.32
N ARG B 31 21.13 -2.24 -3.33
CA ARG B 31 20.39 -1.02 -3.02
CA ARG B 31 20.40 -1.02 -3.09
C ARG B 31 19.40 -0.70 -4.16
C ARG B 31 19.40 -0.73 -4.21
N SER B 32 18.12 -0.82 -3.89
CA SER B 32 17.09 -0.44 -4.85
C SER B 32 17.18 1.06 -5.14
N ASN B 33 16.53 1.47 -6.21
CA ASN B 33 16.51 2.87 -6.62
C ASN B 33 15.36 3.59 -5.92
N GLU B 34 15.67 4.20 -4.79
CA GLU B 34 14.68 4.85 -3.94
C GLU B 34 13.44 3.96 -3.71
N GLY B 35 13.67 2.66 -3.50
CA GLY B 35 12.60 1.72 -3.21
C GLY B 35 12.05 1.00 -4.43
N LYS B 36 12.66 1.22 -5.59
CA LYS B 36 12.17 0.68 -6.85
C LYS B 36 13.18 -0.25 -7.49
N LEU B 37 12.69 -1.23 -8.23
CA LEU B 37 13.59 -2.03 -9.03
C LEU B 37 14.23 -1.19 -10.12
N GLU B 38 15.50 -1.47 -10.42
CA GLU B 38 16.20 -0.86 -11.54
C GLU B 38 17.07 -1.88 -12.26
N GLY B 39 17.18 -1.72 -13.57
CA GLY B 39 18.11 -2.54 -14.35
C GLY B 39 17.52 -3.83 -14.90
N LEU B 40 16.30 -4.14 -14.49
CA LEU B 40 15.60 -5.32 -14.97
C LEU B 40 14.74 -4.95 -16.15
N THR B 41 14.90 -5.65 -17.26
CA THR B 41 14.16 -5.37 -18.48
C THR B 41 13.55 -6.64 -19.05
N ASP B 42 12.78 -6.50 -20.12
CA ASP B 42 12.08 -7.62 -20.73
C ASP B 42 13.04 -8.44 -21.60
N GLU B 43 14.29 -7.98 -21.68
CA GLU B 43 15.34 -8.77 -22.33
C GLU B 43 15.64 -10.06 -21.58
N PHE B 44 15.27 -10.12 -20.30
CA PHE B 44 15.48 -11.32 -19.48
C PHE B 44 14.41 -12.38 -19.73
N GLU B 45 14.32 -12.83 -20.98
CA GLU B 45 13.25 -13.71 -21.44
C GLU B 45 13.33 -15.13 -20.91
N GLU B 46 14.48 -15.50 -20.35
CA GLU B 46 14.69 -16.86 -19.85
C GLU B 46 14.77 -16.89 -18.33
N LEU B 47 14.62 -15.74 -17.69
CA LEU B 47 14.77 -15.68 -16.24
C LEU B 47 13.66 -16.47 -15.54
N GLU B 48 14.02 -17.49 -14.76
CA GLU B 48 13.02 -18.32 -14.06
C GLU B 48 13.00 -18.11 -12.53
N PHE B 49 14.10 -17.59 -11.98
CA PHE B 49 14.20 -17.31 -10.56
C PHE B 49 14.80 -15.93 -10.36
N LEU B 50 14.10 -15.10 -9.59
CA LEU B 50 14.56 -13.77 -9.24
C LEU B 50 14.47 -13.57 -7.74
N SER B 51 15.57 -13.17 -7.13
CA SER B 51 15.60 -12.89 -5.70
C SER B 51 16.00 -11.44 -5.47
N THR B 52 15.17 -10.70 -4.75
CA THR B 52 15.52 -9.32 -4.38
C THR B 52 15.26 -9.12 -2.89
N ILE B 53 15.89 -9.97 -2.09
CA ILE B 53 15.72 -9.92 -0.63
C ILE B 53 16.50 -8.75 -0.06
N ASN B 54 15.88 -8.00 0.86
CA ASN B 54 16.55 -6.94 1.60
C ASN B 54 17.20 -5.90 0.71
N VAL B 55 16.43 -5.38 -0.24
CA VAL B 55 16.93 -4.30 -1.10
C VAL B 55 16.27 -2.95 -0.86
N GLY B 56 15.48 -2.83 0.21
CA GLY B 56 14.84 -1.56 0.51
C GLY B 56 13.63 -1.31 -0.37
N LEU B 57 13.06 -2.39 -0.90
CA LEU B 57 11.97 -2.24 -1.86
C LEU B 57 10.67 -1.75 -1.20
N THR B 58 10.02 -0.79 -1.85
CA THR B 58 8.74 -0.34 -1.39
C THR B 58 7.67 -0.51 -2.47
N SER B 59 8.12 -0.77 -3.70
CA SER B 59 7.22 -0.90 -4.83
C SER B 59 7.75 -1.89 -5.85
N ILE B 60 6.85 -2.72 -6.41
CA ILE B 60 7.23 -3.64 -7.48
C ILE B 60 6.69 -3.17 -8.82
N ALA B 61 6.31 -1.90 -8.90
CA ALA B 61 5.71 -1.37 -10.12
C ALA B 61 6.68 -1.38 -11.32
N ASN B 62 7.98 -1.40 -11.06
CA ASN B 62 8.97 -1.37 -12.14
C ASN B 62 9.42 -2.74 -12.62
N LEU B 63 8.76 -3.80 -12.17
CA LEU B 63 9.03 -5.14 -12.65
C LEU B 63 8.70 -5.21 -14.13
N PRO B 64 9.60 -5.78 -14.95
CA PRO B 64 9.27 -5.90 -16.36
C PRO B 64 8.48 -7.17 -16.64
N LYS B 65 8.01 -7.32 -17.87
CA LYS B 65 7.40 -8.56 -18.31
C LYS B 65 8.44 -9.67 -18.32
N LEU B 66 8.14 -10.73 -17.57
CA LEU B 66 9.04 -11.87 -17.43
C LEU B 66 8.20 -13.14 -17.55
N ASN B 67 7.97 -13.58 -18.77
CA ASN B 67 7.01 -14.65 -19.00
C ASN B 67 7.47 -16.02 -18.53
N LYS B 68 8.76 -16.17 -18.26
CA LYS B 68 9.32 -17.46 -17.86
C LYS B 68 9.56 -17.51 -16.36
N LEU B 69 9.30 -16.40 -15.67
CA LEU B 69 9.56 -16.35 -14.23
C LEU B 69 8.62 -17.27 -13.45
N LYS B 70 9.22 -18.17 -12.64
CA LYS B 70 8.46 -19.12 -11.86
C LYS B 70 8.53 -18.84 -10.38
N LYS B 71 9.66 -18.31 -9.93
CA LYS B 71 9.90 -18.09 -8.52
C LYS B 71 10.42 -16.69 -8.26
N LEU B 72 9.75 -15.97 -7.36
CA LEU B 72 10.08 -14.59 -7.04
C LEU B 72 10.17 -14.42 -5.52
N GLU B 73 11.35 -14.02 -5.06
CA GLU B 73 11.61 -13.82 -3.64
C GLU B 73 11.77 -12.33 -3.36
N LEU B 74 10.82 -11.81 -2.58
CA LEU B 74 10.75 -10.40 -2.21
C LEU B 74 10.90 -10.18 -0.71
N SER B 75 11.38 -11.19 0.00
CA SER B 75 11.48 -11.14 1.45
C SER B 75 12.24 -9.94 2.02
N ASP B 76 11.85 -9.51 3.21
CA ASP B 76 12.63 -8.55 4.00
C ASP B 76 12.77 -7.21 3.30
N ASN B 77 11.67 -6.79 2.70
CA ASN B 77 11.52 -5.45 2.15
C ASN B 77 10.35 -4.76 2.86
N ARG B 78 9.83 -3.71 2.26
CA ARG B 78 8.75 -2.95 2.86
C ARG B 78 7.62 -2.81 1.86
N VAL B 79 7.38 -3.90 1.14
CA VAL B 79 6.30 -3.92 0.17
C VAL B 79 5.01 -3.95 0.97
N SER B 80 4.07 -3.09 0.61
CA SER B 80 2.82 -2.95 1.38
C SER B 80 1.56 -3.04 0.53
N GLY B 81 1.73 -3.20 -0.77
CA GLY B 81 0.60 -3.27 -1.67
C GLY B 81 1.09 -3.31 -3.11
N GLY B 82 0.21 -2.96 -4.04
CA GLY B 82 0.54 -2.94 -5.45
C GLY B 82 0.80 -4.32 -6.05
N LEU B 83 0.27 -5.38 -5.46
CA LEU B 83 0.60 -6.73 -5.93
C LEU B 83 -0.15 -7.13 -7.19
N GLU B 84 -1.07 -6.29 -7.63
CA GLU B 84 -1.78 -6.55 -8.88
C GLU B 84 -0.83 -6.63 -10.08
N VAL B 85 0.34 -6.00 -9.96
CA VAL B 85 1.35 -5.97 -11.02
C VAL B 85 1.81 -7.37 -11.42
N LEU B 86 1.87 -8.28 -10.45
CA LEU B 86 2.44 -9.60 -10.67
C LEU B 86 1.68 -10.37 -11.74
N ALA B 87 0.35 -10.35 -11.68
CA ALA B 87 -0.45 -11.05 -12.65
C ALA B 87 -0.24 -10.50 -14.07
N GLU B 88 0.15 -9.23 -14.16
CA GLU B 88 0.38 -8.62 -15.47
C GLU B 88 1.76 -8.92 -16.02
N LYS B 89 2.76 -9.00 -15.15
CA LYS B 89 4.16 -9.06 -15.57
C LYS B 89 4.72 -10.47 -15.52
N CYS B 90 4.32 -11.24 -14.51
CA CYS B 90 4.81 -12.62 -14.38
CA CYS B 90 4.80 -12.61 -14.34
C CYS B 90 3.63 -13.57 -14.16
N PRO B 91 2.82 -13.76 -15.21
CA PRO B 91 1.60 -14.55 -15.12
C PRO B 91 1.82 -16.05 -14.88
N ASN B 92 3.03 -16.54 -15.10
CA ASN B 92 3.31 -17.96 -14.92
C ASN B 92 4.02 -18.23 -13.60
N LEU B 93 4.04 -17.24 -12.72
CA LEU B 93 4.64 -17.40 -11.40
C LEU B 93 3.99 -18.56 -10.64
N THR B 94 4.82 -19.42 -10.06
CA THR B 94 4.32 -20.51 -9.22
C THR B 94 4.69 -20.40 -7.74
N HIS B 95 5.76 -19.67 -7.42
CA HIS B 95 6.24 -19.53 -6.04
C HIS B 95 6.55 -18.07 -5.75
N LEU B 96 5.93 -17.54 -4.69
CA LEU B 96 6.13 -16.16 -4.26
C LEU B 96 6.47 -16.11 -2.78
N ASN B 97 7.57 -15.45 -2.43
CA ASN B 97 7.93 -15.25 -1.04
C ASN B 97 7.86 -13.79 -0.68
N LEU B 98 6.89 -13.44 0.17
CA LEU B 98 6.71 -12.07 0.65
C LEU B 98 7.03 -11.93 2.14
N SER B 99 7.72 -12.91 2.70
CA SER B 99 8.02 -12.92 4.14
C SER B 99 8.66 -11.60 4.57
N GLY B 100 8.27 -11.12 5.74
CA GLY B 100 8.94 -9.97 6.33
C GLY B 100 8.66 -8.64 5.64
N ASN B 101 7.54 -8.55 4.93
CA ASN B 101 7.12 -7.30 4.32
C ASN B 101 5.95 -6.74 5.12
N LYS B 102 5.39 -5.64 4.65
CA LYS B 102 4.37 -4.88 5.36
C LYS B 102 3.00 -5.34 4.89
N ILE B 103 2.71 -6.62 5.10
CA ILE B 103 1.45 -7.22 4.68
C ILE B 103 0.60 -7.44 5.92
N LYS B 104 -0.39 -6.60 6.12
CA LYS B 104 -1.10 -6.54 7.38
C LYS B 104 -2.48 -7.21 7.34
N ASP B 105 -3.10 -7.29 6.17
CA ASP B 105 -4.45 -7.82 6.05
C ASP B 105 -4.66 -8.61 4.78
N LEU B 106 -5.79 -9.28 4.70
CA LEU B 106 -6.07 -10.16 3.58
C LEU B 106 -6.29 -9.37 2.28
N SER B 107 -6.82 -8.16 2.40
CA SER B 107 -7.08 -7.35 1.21
C SER B 107 -5.80 -7.05 0.44
N THR B 108 -4.68 -6.99 1.16
CA THR B 108 -3.39 -6.74 0.51
C THR B 108 -3.01 -7.86 -0.44
N ILE B 109 -3.33 -9.10 -0.10
CA ILE B 109 -2.93 -10.22 -0.96
C ILE B 109 -4.05 -10.73 -1.87
N GLU B 110 -5.21 -10.10 -1.82
CA GLU B 110 -6.30 -10.47 -2.72
C GLU B 110 -5.94 -10.43 -4.22
N PRO B 111 -5.12 -9.45 -4.66
CA PRO B 111 -4.71 -9.45 -6.08
C PRO B 111 -3.97 -10.70 -6.53
N LEU B 112 -3.47 -11.51 -5.61
CA LEU B 112 -2.80 -12.73 -6.01
C LEU B 112 -3.77 -13.78 -6.53
N LYS B 113 -5.07 -13.53 -6.38
CA LYS B 113 -6.06 -14.46 -6.91
C LYS B 113 -5.98 -14.49 -8.44
N LYS B 114 -5.36 -13.48 -9.04
CA LYS B 114 -5.22 -13.42 -10.49
C LYS B 114 -3.98 -14.16 -11.02
N LEU B 115 -3.17 -14.71 -10.13
CA LEU B 115 -2.03 -15.52 -10.54
C LEU B 115 -2.45 -16.98 -10.68
N GLU B 116 -2.83 -17.38 -11.89
CA GLU B 116 -3.50 -18.66 -12.11
C GLU B 116 -2.64 -19.86 -11.73
N ASN B 117 -1.32 -19.70 -11.83
CA ASN B 117 -0.41 -20.80 -11.63
C ASN B 117 0.26 -20.80 -10.26
N LEU B 118 -0.12 -19.86 -9.40
CA LEU B 118 0.51 -19.75 -8.09
C LEU B 118 0.24 -21.01 -7.28
N LYS B 119 1.30 -21.61 -6.76
CA LYS B 119 1.22 -22.88 -6.04
C LYS B 119 1.64 -22.73 -4.59
N SER B 120 2.60 -21.83 -4.36
CA SER B 120 3.25 -21.71 -3.08
C SER B 120 3.45 -20.24 -2.72
N LEU B 121 2.97 -19.87 -1.54
CA LEU B 121 3.09 -18.51 -1.02
C LEU B 121 3.64 -18.53 0.40
N ASP B 122 4.64 -17.67 0.65
CA ASP B 122 5.22 -17.52 2.00
C ASP B 122 5.02 -16.11 2.51
N LEU B 123 4.57 -16.02 3.77
CA LEU B 123 4.24 -14.75 4.45
C LEU B 123 4.85 -14.67 5.84
N PHE B 124 5.87 -15.47 6.13
CA PHE B 124 6.45 -15.52 7.47
C PHE B 124 6.68 -14.13 8.07
N ASN B 125 6.21 -13.97 9.31
CA ASN B 125 6.40 -12.77 10.12
C ASN B 125 5.75 -11.50 9.58
N CYS B 126 4.92 -11.63 8.56
CA CYS B 126 3.99 -10.54 8.21
C CYS B 126 2.87 -10.48 9.24
N GLU B 127 2.36 -9.28 9.52
CA GLU B 127 1.27 -9.14 10.47
C GLU B 127 0.00 -9.93 10.09
N VAL B 128 -0.24 -10.18 8.81
CA VAL B 128 -1.42 -10.95 8.40
C VAL B 128 -1.40 -12.38 9.01
N THR B 129 -0.21 -12.88 9.33
CA THR B 129 -0.09 -14.24 9.87
C THR B 129 -0.60 -14.34 11.31
N ASN B 130 -0.82 -13.20 11.95
CA ASN B 130 -1.29 -13.17 13.32
C ASN B 130 -2.82 -13.04 13.41
N LEU B 131 -3.51 -13.01 12.27
CA LEU B 131 -4.96 -12.93 12.26
C LEU B 131 -5.56 -14.29 12.65
N ASN B 132 -6.65 -14.27 13.38
CA ASN B 132 -7.31 -15.52 13.69
C ASN B 132 -7.71 -16.26 12.40
N ASP B 133 -7.50 -17.57 12.37
CA ASP B 133 -7.84 -18.36 11.18
C ASP B 133 -7.06 -17.92 9.93
N TYR B 134 -5.87 -17.38 10.12
CA TYR B 134 -5.00 -16.97 9.03
C TYR B 134 -4.88 -18.01 7.93
N ARG B 135 -4.47 -19.23 8.27
CA ARG B 135 -4.20 -20.20 7.20
C ARG B 135 -5.46 -20.53 6.44
N GLU B 136 -6.55 -20.79 7.17
CA GLU B 136 -7.83 -21.12 6.57
C GLU B 136 -8.30 -20.01 5.63
N ASN B 137 -8.16 -18.77 6.07
CA ASN B 137 -8.72 -17.68 5.29
C ASN B 137 -7.92 -17.37 4.04
N VAL B 138 -6.61 -17.61 4.09
CA VAL B 138 -5.78 -17.38 2.93
C VAL B 138 -6.10 -18.43 1.87
N PHE B 139 -6.25 -19.70 2.27
CA PHE B 139 -6.59 -20.75 1.31
C PHE B 139 -7.98 -20.52 0.69
N LYS B 140 -8.92 -19.94 1.45
CA LYS B 140 -10.21 -19.59 0.85
C LYS B 140 -10.06 -18.42 -0.13
N LEU B 141 -9.21 -17.47 0.22
CA LEU B 141 -8.97 -16.30 -0.62
C LEU B 141 -8.26 -16.65 -1.93
N LEU B 142 -7.35 -17.61 -1.85
CA LEU B 142 -6.52 -18.01 -2.99
C LEU B 142 -6.74 -19.49 -3.25
N PRO B 143 -7.88 -19.85 -3.85
CA PRO B 143 -8.19 -21.27 -4.01
C PRO B 143 -7.24 -22.05 -4.92
N GLN B 144 -6.38 -21.38 -5.69
CA GLN B 144 -5.46 -22.08 -6.57
C GLN B 144 -4.23 -22.58 -5.80
N LEU B 145 -4.05 -22.02 -4.61
CA LEU B 145 -2.85 -22.25 -3.82
C LEU B 145 -2.81 -23.67 -3.22
N THR B 146 -1.64 -24.30 -3.24
CA THR B 146 -1.43 -25.59 -2.59
C THR B 146 -0.71 -25.45 -1.26
N TYR B 147 0.34 -24.64 -1.22
CA TYR B 147 1.17 -24.50 -0.02
C TYR B 147 1.18 -23.07 0.45
N LEU B 148 1.03 -22.93 1.76
CA LEU B 148 1.15 -21.65 2.46
C LEU B 148 2.23 -21.82 3.53
N ASP B 149 3.27 -20.99 3.50
CA ASP B 149 4.36 -21.06 4.48
C ASP B 149 4.97 -22.47 4.49
N GLY B 150 4.98 -23.10 3.31
CA GLY B 150 5.64 -24.37 3.13
C GLY B 150 4.80 -25.61 3.11
N TYR B 151 3.53 -25.56 3.54
CA TYR B 151 2.75 -26.77 3.65
C TYR B 151 1.25 -26.51 3.47
N ASP B 152 0.47 -27.58 3.40
CA ASP B 152 -0.96 -27.46 3.18
C ASP B 152 -1.73 -27.82 4.45
CL CL C . 6.66 4.73 -0.76
C1 GOL D . -16.20 4.97 21.34
O1 GOL D . -15.10 5.36 20.52
C2 GOL D . -15.99 3.58 21.92
O2 GOL D . -14.64 3.20 21.85
C3 GOL D . -16.90 2.55 21.25
O3 GOL D . -16.81 2.56 19.84
H11 GOL D . -17.11 4.99 20.74
H12 GOL D . -16.31 5.70 22.15
HO1 GOL D . -15.29 6.23 20.11
H2 GOL D . -16.28 3.63 22.98
HO2 GOL D . -14.53 2.32 22.28
H31 GOL D . -17.93 2.74 21.54
H32 GOL D . -16.64 1.56 21.61
HO3 GOL D . -15.95 2.97 19.57
C1 GOL E . 4.29 -19.24 9.59
O1 GOL E . 3.62 -18.03 9.30
C2 GOL E . 3.41 -20.18 10.42
O2 GOL E . 3.98 -21.48 10.39
C3 GOL E . 1.98 -20.22 9.88
O3 GOL E . 1.93 -20.70 8.55
H11 GOL E . 5.20 -19.01 10.15
H12 GOL E . 4.58 -19.73 8.66
HO1 GOL E . 4.23 -17.43 8.83
H2 GOL E . 3.38 -19.82 11.45
HO2 GOL E . 3.44 -22.08 10.95
H31 GOL E . 1.55 -19.23 9.92
H32 GOL E . 1.37 -20.88 10.52
HO3 GOL E . 1.64 -19.98 7.96
CL CL F . 21.92 -18.21 -14.67
#